data_8PLM
#
_entry.id   8PLM
#
_cell.length_a   145.989
_cell.length_b   103.984
_cell.length_c   62.220
_cell.angle_alpha   90.000
_cell.angle_beta   113.320
_cell.angle_gamma   90.000
#
_symmetry.space_group_name_H-M   'C 1 2 1'
#
loop_
_entity.id
_entity.type
_entity.pdbx_description
1 polymer 'Thioredoxin glutathione reductase'
2 non-polymer 'FLAVIN-ADENINE DINUCLEOTIDE'
3 non-polymer 1-{4-[(2-methoxyethyl)amino]piperidin-1-yl}ethan-1-one
4 water water
#
_entity_poly.entity_id   1
_entity_poly.type   'polypeptide(L)'
_entity_poly.pdbx_seq_one_letter_code
;GPPPADGTSQWLRKTVDSAAVILFSKTTCPYCKKVKDVLAEAKIKHATIELDQLSNGSAIQKCLASFSKIETVPQMFVRG
KFIGDSQTVLKYYSNDELAGIVNESKYDYDLIVIGGGSGGLAAGKEAAKYGAKTAVLDYVEPTPIGTTWGLGGTCVNVGC
IPKKLMHQAGLLSHALEDAEHFGWSLDRSKISHNWSTMVEGVQSHIGSLNWGYKVALRDNQVTYLNAKGRLISPHEVQIT
DKNQKVSTITGNKIILATGERPKYPEIPGAVEYGITSDDLFSLPYFPGKTLVIGASYVALECAGFLASLGGDVTVMVRSI
LLRGFDQQMAEKVGDYMENHGVKFAKLCVPDEIKQLKVVDTENNKPGLLLVKGHYTDGKKFEEEFETVIFAVGREPQLSK
VLCETVGVKLDKNGRVVCTDDEQTTVSNVYAIGDINAGKPQLTPVAIQAGRYLARRLFAGATELTDYSNVATTVFTPLEY
GACGLSEEDAIEKYGDKDIEVYHSNFKPLEWTVAHREDNVCYMKLVCRKSDNMRVLGLHVLGPNAGEITQGYAVAIKMGA
TKADFDRTIGIHPTCSETFTTLHVTKKSGVSPIVSGC
;
_entity_poly.pdbx_strand_id   A
#
# COMPACT_ATOMS: atom_id res chain seq x y z
N GLY A 7 13.78 -32.47 2.18
CA GLY A 7 12.56 -31.81 2.60
C GLY A 7 12.80 -30.98 3.85
N THR A 8 12.75 -31.66 5.00
CA THR A 8 13.20 -31.04 6.25
C THR A 8 14.66 -30.64 6.14
N SER A 9 15.49 -31.52 5.56
CA SER A 9 16.90 -31.23 5.40
C SER A 9 17.13 -30.01 4.52
N GLN A 10 16.32 -29.84 3.49
CA GLN A 10 16.47 -28.69 2.60
C GLN A 10 16.11 -27.38 3.29
N TRP A 11 15.00 -27.38 4.05
CA TRP A 11 14.62 -26.21 4.85
C TRP A 11 15.71 -25.83 5.83
N LEU A 12 16.29 -26.82 6.53
CA LEU A 12 17.27 -26.51 7.57
C LEU A 12 18.51 -25.87 6.99
N ARG A 13 18.98 -26.37 5.84
CA ARG A 13 20.13 -25.76 5.18
C ARG A 13 19.86 -24.30 4.81
N LYS A 14 18.67 -24.03 4.25
CA LYS A 14 18.31 -22.65 3.88
C LYS A 14 18.27 -21.75 5.10
N THR A 15 17.66 -22.24 6.19
CA THR A 15 17.56 -21.46 7.42
C THR A 15 18.92 -21.12 7.99
N VAL A 16 19.79 -22.13 8.16
CA VAL A 16 21.11 -21.90 8.75
C VAL A 16 21.94 -20.95 7.89
N ASP A 17 21.81 -21.03 6.57
CA ASP A 17 22.68 -20.24 5.70
C ASP A 17 22.32 -18.76 5.76
N SER A 18 21.04 -18.41 5.90
CA SER A 18 20.66 -17.01 5.79
C SER A 18 20.36 -16.33 7.12
N ALA A 19 20.12 -17.07 8.20
CA ALA A 19 19.92 -16.43 9.50
C ALA A 19 21.18 -15.71 9.94
N ALA A 20 21.01 -14.53 10.54
CA ALA A 20 22.14 -13.79 11.10
C ALA A 20 22.64 -14.45 12.40
N VAL A 21 21.75 -14.55 13.39
CA VAL A 21 22.06 -15.20 14.67
C VAL A 21 20.83 -16.03 15.05
N ILE A 22 21.01 -17.34 15.20
CA ILE A 22 19.87 -18.23 15.45
C ILE A 22 20.24 -19.31 16.48
N LEU A 23 19.30 -19.58 17.38
CA LEU A 23 19.44 -20.57 18.45
C LEU A 23 18.40 -21.65 18.23
N PHE A 24 18.85 -22.91 18.19
CA PHE A 24 17.95 -24.05 18.22
C PHE A 24 17.84 -24.54 19.65
N SER A 25 16.60 -24.71 20.12
CA SER A 25 16.34 -24.78 21.56
C SER A 25 15.15 -25.72 21.80
N LYS A 26 14.86 -25.92 23.10
CA LYS A 26 13.63 -26.54 23.56
C LYS A 26 13.15 -25.78 24.81
N THR A 27 11.83 -25.62 24.93
CA THR A 27 11.27 -24.79 25.99
C THR A 27 11.46 -25.41 27.38
N THR A 28 11.79 -26.70 27.43
CA THR A 28 11.90 -27.44 28.69
C THR A 28 13.36 -27.68 29.09
N CYS A 29 14.31 -26.97 28.49
CA CYS A 29 15.72 -27.24 28.69
C CYS A 29 16.39 -26.11 29.47
N PRO A 30 16.92 -26.37 30.66
CA PRO A 30 17.59 -25.29 31.41
C PRO A 30 18.89 -24.84 30.77
N TYR A 31 19.58 -25.72 30.03
CA TYR A 31 20.78 -25.27 29.33
C TYR A 31 20.44 -24.29 28.22
N CYS A 32 19.27 -24.46 27.57
CA CYS A 32 18.82 -23.48 26.60
C CYS A 32 18.49 -22.15 27.27
N LYS A 33 17.82 -22.21 28.42
CA LYS A 33 17.45 -21.00 29.15
C LYS A 33 18.70 -20.21 29.57
N LYS A 34 19.77 -20.91 29.95
CA LYS A 34 20.98 -20.22 30.37
C LYS A 34 21.70 -19.58 29.19
N VAL A 35 21.60 -20.18 28.00
CA VAL A 35 22.16 -19.54 26.81
C VAL A 35 21.29 -18.34 26.41
N LYS A 36 19.96 -18.46 26.53
CA LYS A 36 19.09 -17.33 26.25
C LYS A 36 19.42 -16.15 27.15
N ASP A 37 19.60 -16.43 28.45
CA ASP A 37 19.87 -15.38 29.42
C ASP A 37 21.19 -14.66 29.12
N VAL A 38 22.22 -15.40 28.73
CA VAL A 38 23.51 -14.79 28.41
C VAL A 38 23.37 -13.85 27.22
N LEU A 39 22.70 -14.31 26.16
CA LEU A 39 22.49 -13.47 24.98
C LEU A 39 21.62 -12.27 25.30
N ALA A 40 20.52 -12.50 26.04
CA ALA A 40 19.67 -11.39 26.46
C ALA A 40 20.48 -10.33 27.21
N GLU A 41 21.35 -10.78 28.13
CA GLU A 41 22.09 -9.84 28.97
C GLU A 41 23.13 -9.08 28.16
N ALA A 42 23.80 -9.76 27.23
CA ALA A 42 24.75 -9.06 26.36
C ALA A 42 24.06 -8.23 25.29
N LYS A 43 22.72 -8.19 25.29
CA LYS A 43 21.95 -7.48 24.27
C LYS A 43 22.37 -7.93 22.86
N ILE A 44 22.41 -9.25 22.67
CA ILE A 44 22.56 -9.87 21.37
C ILE A 44 21.18 -10.35 20.92
N LYS A 45 20.66 -9.76 19.84
CA LYS A 45 19.36 -10.18 19.32
C LYS A 45 19.52 -11.36 18.36
N HIS A 46 18.51 -12.21 18.33
CA HIS A 46 18.60 -13.46 17.59
C HIS A 46 17.22 -14.05 17.39
N ALA A 47 17.12 -14.96 16.42
CA ALA A 47 15.96 -15.80 16.25
C ALA A 47 16.10 -17.06 17.09
N THR A 48 14.96 -17.62 17.49
CA THR A 48 14.91 -18.84 18.27
C THR A 48 13.90 -19.79 17.64
N ILE A 49 14.29 -21.05 17.48
CA ILE A 49 13.42 -22.09 16.95
C ILE A 49 13.29 -23.14 18.03
N GLU A 50 12.08 -23.30 18.58
CA GLU A 50 11.81 -24.21 19.69
C GLU A 50 11.40 -25.57 19.14
N LEU A 51 12.34 -26.52 19.14
CA LEU A 51 12.13 -27.80 18.44
C LEU A 51 11.01 -28.63 19.04
N ASP A 52 10.70 -28.46 20.33
CA ASP A 52 9.61 -29.24 20.91
C ASP A 52 8.22 -28.71 20.55
N GLN A 53 8.13 -27.65 19.74
CA GLN A 53 6.85 -27.10 19.31
C GLN A 53 6.61 -27.31 17.82
N LEU A 54 7.38 -28.18 17.17
CA LEU A 54 7.18 -28.54 15.78
C LEU A 54 7.10 -30.05 15.69
N SER A 55 6.04 -30.57 15.07
CA SER A 55 5.91 -32.01 14.89
C SER A 55 7.11 -32.59 14.16
N ASN A 56 7.86 -31.76 13.46
CA ASN A 56 9.04 -32.15 12.70
C ASN A 56 10.32 -32.07 13.53
N GLY A 57 10.21 -31.87 14.85
CA GLY A 57 11.37 -31.47 15.63
C GLY A 57 12.44 -32.54 15.76
N SER A 58 12.04 -33.79 15.97
CA SER A 58 13.02 -34.85 16.11
C SER A 58 13.87 -34.99 14.86
N ALA A 59 13.23 -34.92 13.69
CA ALA A 59 13.97 -34.98 12.44
C ALA A 59 14.97 -33.83 12.32
N ILE A 60 14.55 -32.62 12.70
CA ILE A 60 15.43 -31.46 12.59
C ILE A 60 16.62 -31.63 13.52
N GLN A 61 16.39 -32.20 14.71
CA GLN A 61 17.46 -32.41 15.67
C GLN A 61 18.58 -33.27 15.08
N LYS A 62 18.23 -34.32 14.33
CA LYS A 62 19.24 -35.15 13.68
C LYS A 62 19.95 -34.39 12.57
N CYS A 63 19.20 -33.61 11.78
CA CYS A 63 19.82 -32.88 10.67
C CYS A 63 20.82 -31.85 11.15
N LEU A 64 20.61 -31.29 12.34
CA LEU A 64 21.57 -30.34 12.91
C LEU A 64 22.98 -30.91 12.92
N ALA A 65 23.11 -32.23 13.09
CA ALA A 65 24.42 -32.85 13.19
C ALA A 65 25.20 -32.80 11.88
N SER A 66 24.55 -32.52 10.75
CA SER A 66 25.30 -32.35 9.51
C SER A 66 26.15 -31.09 9.52
N PHE A 67 25.81 -30.12 10.36
CA PHE A 67 26.57 -28.87 10.47
C PHE A 67 27.47 -28.83 11.70
N SER A 68 27.05 -29.43 12.81
CA SER A 68 27.74 -29.30 14.09
C SER A 68 28.34 -30.60 14.60
N LYS A 69 27.98 -31.73 14.02
CA LYS A 69 28.34 -33.07 14.48
C LYS A 69 27.77 -33.39 15.86
N ILE A 70 26.81 -32.60 16.36
CA ILE A 70 26.14 -32.93 17.62
C ILE A 70 24.63 -32.90 17.39
N GLU A 71 23.90 -33.63 18.25
CA GLU A 71 22.46 -33.83 18.10
C GLU A 71 21.65 -33.26 19.26
N THR A 72 22.26 -32.46 20.12
CA THR A 72 21.59 -31.96 21.32
C THR A 72 21.23 -30.49 21.16
N VAL A 73 20.41 -30.00 22.08
CA VAL A 73 20.05 -28.59 22.17
C VAL A 73 20.67 -28.05 23.45
N PRO A 74 21.15 -26.80 23.50
CA PRO A 74 21.08 -25.76 22.45
C PRO A 74 22.18 -25.87 21.40
N GLN A 75 21.94 -25.33 20.19
CA GLN A 75 22.97 -25.11 19.19
C GLN A 75 22.84 -23.69 18.67
N MET A 76 23.95 -22.93 18.73
CA MET A 76 24.00 -21.55 18.27
C MET A 76 24.73 -21.45 16.94
N PHE A 77 24.15 -20.71 15.99
CA PHE A 77 24.75 -20.44 14.69
C PHE A 77 24.81 -18.93 14.46
N VAL A 78 25.87 -18.49 13.80
CA VAL A 78 26.01 -17.10 13.36
C VAL A 78 26.36 -17.13 11.87
N ARG A 79 25.46 -16.59 11.04
CA ARG A 79 25.70 -16.41 9.61
C ARG A 79 26.26 -17.69 8.97
N GLY A 80 25.61 -18.81 9.25
CA GLY A 80 25.95 -20.07 8.61
C GLY A 80 26.99 -20.92 9.31
N LYS A 81 27.56 -20.45 10.42
CA LYS A 81 28.66 -21.10 11.13
C LYS A 81 28.19 -21.59 12.50
N PHE A 82 28.41 -22.87 12.79
CA PHE A 82 28.13 -23.38 14.13
C PHE A 82 29.09 -22.74 15.13
N ILE A 83 28.53 -22.11 16.16
CA ILE A 83 29.33 -21.41 17.16
C ILE A 83 29.68 -22.31 18.34
N GLY A 84 28.70 -23.02 18.88
CA GLY A 84 28.97 -23.93 19.96
C GLY A 84 27.71 -24.35 20.69
N ASP A 85 27.89 -25.26 21.65
CA ASP A 85 26.82 -25.68 22.53
C ASP A 85 26.86 -24.80 23.79
N SER A 86 26.17 -25.23 24.86
CA SER A 86 26.15 -24.47 26.10
C SER A 86 27.55 -24.16 26.63
N GLN A 87 28.33 -25.21 26.96
CA GLN A 87 29.65 -24.98 27.54
C GLN A 87 30.49 -24.03 26.68
N THR A 88 30.37 -24.15 25.34
CA THR A 88 31.22 -23.37 24.44
C THR A 88 30.79 -21.91 24.36
N VAL A 89 29.48 -21.63 24.34
CA VAL A 89 29.02 -20.25 24.28
C VAL A 89 29.41 -19.49 25.54
N LEU A 90 29.17 -20.10 26.71
CA LEU A 90 29.56 -19.47 27.98
C LEU A 90 31.07 -19.28 28.11
N LYS A 91 31.87 -20.17 27.50
CA LYS A 91 33.32 -19.95 27.46
C LYS A 91 33.65 -18.65 26.72
N TYR A 92 33.10 -18.48 25.52
CA TYR A 92 33.33 -17.25 24.76
C TYR A 92 32.87 -16.01 25.55
N TYR A 93 31.75 -16.13 26.25
CA TYR A 93 31.23 -15.05 27.07
C TYR A 93 32.20 -14.71 28.20
N SER A 94 32.63 -15.72 28.96
CA SER A 94 33.53 -15.48 30.08
C SER A 94 34.84 -14.85 29.62
N ASN A 95 35.31 -15.23 28.44
CA ASN A 95 36.58 -14.73 27.90
C ASN A 95 36.42 -13.47 27.05
N ASP A 96 35.22 -12.86 27.05
CA ASP A 96 34.93 -11.65 26.25
C ASP A 96 35.33 -11.83 24.79
N GLU A 97 34.97 -12.98 24.23
CA GLU A 97 35.16 -13.26 22.82
C GLU A 97 33.84 -13.27 22.05
N LEU A 98 32.69 -13.14 22.75
CA LEU A 98 31.40 -13.38 22.11
C LEU A 98 30.96 -12.20 21.25
N ALA A 99 31.23 -10.96 21.69
CA ALA A 99 30.85 -9.79 20.91
C ALA A 99 31.47 -9.82 19.52
N GLY A 100 32.76 -10.13 19.43
CA GLY A 100 33.44 -10.21 18.14
C GLY A 100 33.06 -11.40 17.31
N ILE A 101 32.48 -12.44 17.93
CA ILE A 101 32.02 -13.61 17.18
C ILE A 101 30.71 -13.34 16.45
N VAL A 102 29.75 -12.70 17.13
CA VAL A 102 28.44 -12.47 16.49
C VAL A 102 28.45 -11.30 15.51
N ASN A 103 29.40 -10.38 15.60
CA ASN A 103 29.49 -9.28 14.64
C ASN A 103 30.34 -9.63 13.41
N GLU A 104 30.97 -10.79 13.40
CA GLU A 104 31.86 -11.15 12.30
C GLU A 104 31.05 -11.41 11.03
N SER A 105 31.33 -10.64 9.98
CA SER A 105 30.61 -10.79 8.73
C SER A 105 31.45 -10.40 7.53
N LYS A 106 31.20 -11.10 6.43
CA LYS A 106 31.80 -10.80 5.13
C LYS A 106 31.35 -9.44 4.59
N TYR A 107 30.18 -8.95 5.03
CA TYR A 107 29.56 -7.74 4.50
C TYR A 107 29.31 -6.74 5.62
N ASP A 108 29.15 -5.47 5.23
CA ASP A 108 28.77 -4.42 6.19
C ASP A 108 27.45 -4.73 6.88
N TYR A 109 26.45 -5.20 6.13
CA TYR A 109 25.10 -5.40 6.63
C TYR A 109 24.58 -6.77 6.25
N ASP A 110 23.75 -7.35 7.11
CA ASP A 110 23.00 -8.54 6.71
C ASP A 110 21.91 -8.18 5.70
N LEU A 111 21.33 -6.98 5.80
CA LEU A 111 20.27 -6.51 4.92
C LEU A 111 20.48 -5.05 4.56
N ILE A 112 20.35 -4.73 3.27
CA ILE A 112 20.19 -3.35 2.81
C ILE A 112 18.82 -3.23 2.14
N VAL A 113 17.97 -2.37 2.67
CA VAL A 113 16.69 -2.02 2.05
C VAL A 113 16.86 -0.71 1.30
N ILE A 114 16.63 -0.74 -0.02
CA ILE A 114 16.60 0.48 -0.82
C ILE A 114 15.15 0.93 -0.95
N GLY A 115 14.81 2.02 -0.27
CA GLY A 115 13.49 2.63 -0.31
C GLY A 115 12.86 2.60 1.07
N GLY A 116 12.56 3.77 1.64
CA GLY A 116 12.03 3.82 3.00
C GLY A 116 10.55 4.16 3.07
N GLY A 117 9.72 3.38 2.38
CA GLY A 117 8.29 3.56 2.40
C GLY A 117 7.53 2.43 3.08
N SER A 118 6.28 2.23 2.67
CA SER A 118 5.41 1.23 3.30
C SER A 118 6.10 -0.13 3.43
N GLY A 119 6.57 -0.67 2.30
CA GLY A 119 7.18 -2.00 2.34
C GLY A 119 8.55 -1.99 2.99
N GLY A 120 9.41 -1.05 2.58
CA GLY A 120 10.80 -1.08 3.03
C GLY A 120 10.95 -0.87 4.52
N LEU A 121 10.16 0.04 5.12
CA LEU A 121 10.24 0.23 6.56
C LEU A 121 9.75 -1.01 7.31
N ALA A 122 8.71 -1.65 6.81
CA ALA A 122 8.19 -2.86 7.49
C ALA A 122 9.22 -3.98 7.44
N ALA A 123 9.76 -4.24 6.25
CA ALA A 123 10.78 -5.28 6.10
C ALA A 123 11.98 -5.01 7.02
N GLY A 124 12.49 -3.76 7.01
CA GLY A 124 13.69 -3.48 7.78
C GLY A 124 13.51 -3.66 9.27
N LYS A 125 12.36 -3.24 9.81
CA LYS A 125 12.14 -3.33 11.25
C LYS A 125 11.95 -4.76 11.69
N GLU A 126 11.29 -5.58 10.87
CA GLU A 126 11.06 -6.97 11.22
C GLU A 126 12.35 -7.79 11.16
N ALA A 127 13.24 -7.48 10.20
CA ALA A 127 14.51 -8.21 10.12
C ALA A 127 15.39 -7.92 11.33
N ALA A 128 15.48 -6.64 11.74
CA ALA A 128 16.31 -6.31 12.89
C ALA A 128 15.79 -6.95 14.19
N LYS A 129 14.49 -7.29 14.26
CA LYS A 129 13.98 -8.06 15.39
C LYS A 129 14.75 -9.35 15.62
N TYR A 130 15.23 -10.00 14.55
CA TYR A 130 15.91 -11.29 14.66
C TYR A 130 17.43 -11.17 14.57
N GLY A 131 17.97 -9.99 14.79
CA GLY A 131 19.41 -9.84 14.90
C GLY A 131 20.12 -9.54 13.61
N ALA A 132 19.40 -9.31 12.52
CA ALA A 132 20.04 -8.94 11.27
C ALA A 132 20.55 -7.50 11.35
N LYS A 133 21.83 -7.30 11.01
CA LYS A 133 22.36 -5.95 10.94
C LYS A 133 21.80 -5.26 9.69
N THR A 134 21.02 -4.18 9.89
CA THR A 134 20.14 -3.68 8.84
C THR A 134 20.34 -2.19 8.59
N ALA A 135 20.30 -1.81 7.30
CA ALA A 135 20.32 -0.42 6.88
C ALA A 135 19.13 -0.14 5.95
N VAL A 136 18.45 0.98 6.19
CA VAL A 136 17.35 1.45 5.35
C VAL A 136 17.78 2.76 4.68
N LEU A 137 17.74 2.78 3.34
CA LEU A 137 18.07 3.95 2.55
C LEU A 137 16.77 4.59 2.06
N ASP A 138 16.64 5.91 2.23
CA ASP A 138 15.52 6.64 1.67
C ASP A 138 15.94 8.03 1.20
N TYR A 139 15.36 8.45 0.09
CA TYR A 139 15.59 9.74 -0.55
C TYR A 139 14.34 10.09 -1.34
N VAL A 140 14.06 11.38 -1.44
CA VAL A 140 12.86 11.88 -2.11
C VAL A 140 13.30 12.84 -3.23
N GLU A 141 13.29 12.36 -4.47
CA GLU A 141 13.51 13.20 -5.65
C GLU A 141 12.48 14.31 -5.68
N PRO A 142 12.88 15.58 -5.71
CA PRO A 142 11.88 16.67 -5.74
C PRO A 142 11.05 16.67 -7.03
N THR A 143 9.80 17.14 -6.91
CA THR A 143 8.93 17.32 -8.08
C THR A 143 9.47 18.45 -8.97
N PRO A 144 8.93 18.61 -10.19
CA PRO A 144 9.36 19.72 -11.06
C PRO A 144 9.32 21.11 -10.44
N ILE A 145 8.38 21.41 -9.55
CA ILE A 145 8.36 22.72 -8.90
C ILE A 145 9.15 22.73 -7.58
N GLY A 146 9.73 21.59 -7.18
CA GLY A 146 10.60 21.54 -6.02
C GLY A 146 10.01 20.94 -4.76
N THR A 147 8.84 20.30 -4.81
CA THR A 147 8.25 19.75 -3.60
C THR A 147 9.00 18.51 -3.12
N THR A 148 9.20 18.41 -1.81
CA THR A 148 9.83 17.25 -1.19
C THR A 148 9.18 17.04 0.17
N TRP A 149 9.55 15.95 0.86
CA TRP A 149 8.92 15.56 2.12
C TRP A 149 9.81 14.54 2.84
N GLY A 150 9.37 14.10 4.02
CA GLY A 150 10.18 13.30 4.92
C GLY A 150 10.00 11.80 4.79
N LEU A 151 10.52 11.08 5.78
CA LEU A 151 10.61 9.62 5.69
C LEU A 151 9.24 8.99 5.77
N GLY A 152 9.03 7.94 4.99
CA GLY A 152 7.78 7.18 5.14
C GLY A 152 7.10 6.72 3.87
N GLY A 153 7.47 7.27 2.72
CA GLY A 153 6.96 6.80 1.45
C GLY A 153 5.73 7.54 0.96
N THR A 154 5.15 7.02 -0.14
CA THR A 154 4.09 7.71 -0.85
C THR A 154 2.81 7.80 -0.04
N CYS A 155 2.42 6.68 0.59
CA CYS A 155 1.17 6.65 1.35
C CYS A 155 1.17 7.69 2.47
N VAL A 156 2.21 7.67 3.32
CA VAL A 156 2.28 8.56 4.49
C VAL A 156 2.27 10.04 4.07
N ASN A 157 3.10 10.38 3.08
CA ASN A 157 3.39 11.78 2.74
C ASN A 157 2.50 12.37 1.64
N VAL A 158 2.22 11.62 0.56
CA VAL A 158 1.51 12.20 -0.57
C VAL A 158 0.48 11.21 -1.14
N GLY A 159 -0.17 10.44 -0.26
CA GLY A 159 -1.03 9.33 -0.68
C GLY A 159 -2.19 9.05 0.27
N CYS A 160 -2.35 7.78 0.71
CA CYS A 160 -3.52 7.39 1.50
C CYS A 160 -3.81 8.34 2.68
N ILE A 161 -2.77 8.72 3.42
CA ILE A 161 -2.98 9.47 4.67
C ILE A 161 -3.52 10.88 4.38
N PRO A 162 -2.84 11.74 3.61
CA PRO A 162 -3.43 13.07 3.38
C PRO A 162 -4.70 13.03 2.52
N LYS A 163 -4.78 12.12 1.55
CA LYS A 163 -6.00 11.95 0.75
C LYS A 163 -7.21 11.67 1.64
N LYS A 164 -7.09 10.73 2.60
CA LYS A 164 -8.29 10.44 3.41
C LYS A 164 -8.60 11.56 4.40
N LEU A 165 -7.57 12.30 4.85
CA LEU A 165 -7.84 13.41 5.77
C LEU A 165 -8.58 14.54 5.06
N MET A 166 -8.18 14.87 3.81
CA MET A 166 -8.97 15.83 3.04
C MET A 166 -10.31 15.28 2.60
N HIS A 167 -10.40 13.96 2.37
CA HIS A 167 -11.72 13.36 2.16
C HIS A 167 -12.62 13.58 3.38
N GLN A 168 -12.08 13.39 4.57
CA GLN A 168 -12.87 13.64 5.79
C GLN A 168 -13.31 15.10 5.86
N ALA A 169 -12.46 16.02 5.41
CA ALA A 169 -12.83 17.43 5.46
C ALA A 169 -14.01 17.69 4.53
N GLY A 170 -14.03 17.04 3.37
CA GLY A 170 -15.17 17.16 2.48
C GLY A 170 -16.42 16.53 3.06
N LEU A 171 -16.27 15.37 3.72
CA LEU A 171 -17.43 14.70 4.31
C LEU A 171 -18.09 15.58 5.37
N LEU A 172 -17.29 16.37 6.09
CA LEU A 172 -17.88 17.19 7.15
C LEU A 172 -18.77 18.29 6.61
N SER A 173 -18.62 18.68 5.34
CA SER A 173 -19.59 19.54 4.67
C SER A 173 -21.00 19.01 4.83
N HIS A 174 -21.18 17.72 4.55
CA HIS A 174 -22.51 17.14 4.53
C HIS A 174 -23.01 16.93 5.95
N ALA A 175 -22.11 16.69 6.90
CA ALA A 175 -22.50 16.63 8.29
C ALA A 175 -23.03 17.97 8.79
N LEU A 176 -22.42 19.08 8.36
CA LEU A 176 -22.90 20.42 8.67
C LEU A 176 -24.30 20.68 8.13
N GLU A 177 -24.57 20.24 6.90
CA GLU A 177 -25.92 20.34 6.32
C GLU A 177 -26.91 19.45 7.07
N ASP A 178 -26.50 18.22 7.37
CA ASP A 178 -27.40 17.27 8.05
C ASP A 178 -27.78 17.75 9.44
N ALA A 179 -26.90 18.52 10.11
CA ALA A 179 -27.11 18.85 11.52
C ALA A 179 -28.39 19.64 11.74
N GLU A 180 -28.73 20.54 10.82
CA GLU A 180 -29.94 21.36 11.00
C GLU A 180 -31.17 20.48 11.05
N HIS A 181 -31.22 19.44 10.21
CA HIS A 181 -32.37 18.55 10.20
C HIS A 181 -32.46 17.73 11.47
N PHE A 182 -31.35 17.50 12.15
CA PHE A 182 -31.40 16.74 13.37
C PHE A 182 -31.57 17.64 14.60
N GLY A 183 -31.82 18.94 14.40
CA GLY A 183 -32.17 19.86 15.47
C GLY A 183 -31.11 20.88 15.88
N TRP A 184 -29.93 20.89 15.25
CA TRP A 184 -28.89 21.83 15.67
C TRP A 184 -29.09 23.19 15.00
N SER A 185 -28.71 24.26 15.72
CA SER A 185 -29.10 25.62 15.34
C SER A 185 -28.21 26.26 14.29
N LEU A 186 -27.19 25.58 13.76
CA LEU A 186 -26.30 26.20 12.79
C LEU A 186 -27.00 26.44 11.44
N ASP A 187 -26.46 27.39 10.68
CA ASP A 187 -26.92 27.68 9.32
C ASP A 187 -25.77 27.39 8.35
N ARG A 188 -25.90 26.29 7.60
CA ARG A 188 -24.83 25.84 6.71
C ARG A 188 -24.44 26.91 5.68
N SER A 189 -25.41 27.69 5.19
CA SER A 189 -25.13 28.61 4.08
C SER A 189 -24.18 29.73 4.47
N LYS A 190 -23.94 29.95 5.77
CA LYS A 190 -23.07 31.00 6.24
C LYS A 190 -21.70 30.50 6.67
N ILE A 191 -21.32 29.27 6.32
CA ILE A 191 -20.05 28.69 6.73
C ILE A 191 -19.20 28.44 5.49
N SER A 192 -17.91 28.80 5.57
CA SER A 192 -16.98 28.62 4.46
C SER A 192 -15.79 27.79 4.93
N HIS A 193 -14.95 27.37 3.97
CA HIS A 193 -13.77 26.55 4.27
C HIS A 193 -12.47 27.31 4.00
N ASN A 194 -11.46 27.07 4.86
CA ASN A 194 -10.14 27.69 4.77
C ASN A 194 -9.12 26.59 4.44
N TRP A 195 -8.65 26.57 3.19
CA TRP A 195 -7.71 25.56 2.71
C TRP A 195 -6.42 25.56 3.52
N SER A 196 -5.80 26.72 3.71
CA SER A 196 -4.49 26.70 4.37
C SER A 196 -4.58 26.18 5.80
N THR A 197 -5.68 26.47 6.51
CA THR A 197 -5.86 25.90 7.86
C THR A 197 -5.91 24.37 7.80
N MET A 198 -6.59 23.81 6.80
CA MET A 198 -6.65 22.36 6.66
C MET A 198 -5.27 21.77 6.37
N VAL A 199 -4.54 22.36 5.41
CA VAL A 199 -3.21 21.86 5.05
C VAL A 199 -2.27 21.89 6.25
N GLU A 200 -2.31 22.97 7.05
CA GLU A 200 -1.46 23.03 8.23
C GLU A 200 -1.70 21.85 9.17
N GLY A 201 -2.97 21.48 9.35
CA GLY A 201 -3.28 20.39 10.26
C GLY A 201 -2.90 19.04 9.71
N VAL A 202 -3.17 18.81 8.41
CA VAL A 202 -2.75 17.59 7.72
C VAL A 202 -1.23 17.44 7.78
N GLN A 203 -0.51 18.52 7.45
CA GLN A 203 0.95 18.44 7.41
C GLN A 203 1.55 18.24 8.80
N SER A 204 0.91 18.77 9.84
CA SER A 204 1.38 18.54 11.20
C SER A 204 1.28 17.07 11.58
N HIS A 205 0.19 16.40 11.16
CA HIS A 205 0.10 14.96 11.40
C HIS A 205 1.16 14.19 10.62
N ILE A 206 1.41 14.56 9.35
CA ILE A 206 2.43 13.85 8.58
C ILE A 206 3.79 14.04 9.24
N GLY A 207 4.05 15.25 9.75
CA GLY A 207 5.30 15.49 10.46
C GLY A 207 5.49 14.57 11.66
N SER A 208 4.41 14.29 12.40
CA SER A 208 4.56 13.36 13.52
C SER A 208 4.83 11.94 13.01
N LEU A 209 4.36 11.59 11.80
CA LEU A 209 4.67 10.27 11.27
C LEU A 209 6.13 10.18 10.82
N ASN A 210 6.64 11.21 10.11
CA ASN A 210 8.05 11.23 9.74
C ASN A 210 8.93 11.03 10.97
N TRP A 211 8.66 11.80 12.03
CA TRP A 211 9.47 11.69 13.25
C TRP A 211 9.30 10.32 13.90
N GLY A 212 8.07 9.82 13.94
CA GLY A 212 7.82 8.50 14.51
C GLY A 212 8.62 7.40 13.84
N TYR A 213 8.78 7.45 12.51
CA TYR A 213 9.57 6.42 11.83
C TYR A 213 11.05 6.53 12.16
N LYS A 214 11.57 7.76 12.27
CA LYS A 214 12.97 7.93 12.66
C LYS A 214 13.22 7.37 14.06
N VAL A 215 12.30 7.62 15.00
CA VAL A 215 12.44 7.09 16.36
C VAL A 215 12.39 5.56 16.33
N ALA A 216 11.47 4.99 15.56
CA ALA A 216 11.31 3.54 15.52
C ALA A 216 12.56 2.84 15.00
N LEU A 217 13.18 3.39 13.93
CA LEU A 217 14.39 2.79 13.40
C LEU A 217 15.52 2.84 14.43
N ARG A 218 15.73 4.00 15.06
CA ARG A 218 16.75 4.12 16.09
C ARG A 218 16.53 3.10 17.21
N ASP A 219 15.29 2.91 17.64
CA ASP A 219 15.00 1.97 18.73
C ASP A 219 15.08 0.50 18.32
N ASN A 220 15.12 0.18 17.02
CA ASN A 220 15.41 -1.18 16.57
C ASN A 220 16.86 -1.37 16.12
N GLN A 221 17.73 -0.38 16.35
CA GLN A 221 19.14 -0.45 15.95
C GLN A 221 19.31 -0.60 14.43
N VAL A 222 18.38 -0.04 13.67
CA VAL A 222 18.47 0.02 12.21
C VAL A 222 19.18 1.31 11.81
N THR A 223 20.17 1.21 10.93
CA THR A 223 20.83 2.39 10.38
C THR A 223 19.96 3.03 9.31
N TYR A 224 19.64 4.32 9.48
CA TYR A 224 18.88 5.08 8.48
C TYR A 224 19.86 6.02 7.77
N LEU A 225 19.95 5.90 6.46
CA LEU A 225 20.78 6.76 5.63
C LEU A 225 19.85 7.54 4.69
N ASN A 226 19.84 8.87 4.81
CA ASN A 226 19.07 9.68 3.87
C ASN A 226 19.94 9.89 2.64
N ALA A 227 19.87 8.94 1.71
CA ALA A 227 20.78 8.89 0.57
C ALA A 227 20.12 8.15 -0.58
N LYS A 228 20.54 8.48 -1.80
CA LYS A 228 20.07 7.79 -2.99
C LYS A 228 20.91 6.54 -3.23
N GLY A 229 20.26 5.37 -3.29
CA GLY A 229 20.95 4.11 -3.48
C GLY A 229 20.88 3.58 -4.90
N ARG A 230 21.94 2.89 -5.31
CA ARG A 230 22.04 2.28 -6.64
C ARG A 230 22.74 0.93 -6.50
N LEU A 231 22.08 -0.16 -6.92
CA LEU A 231 22.68 -1.48 -6.91
C LEU A 231 23.59 -1.63 -8.12
N ILE A 232 24.90 -1.76 -7.87
CA ILE A 232 25.89 -1.82 -8.94
C ILE A 232 26.50 -3.19 -9.11
N SER A 233 26.35 -4.08 -8.13
CA SER A 233 26.65 -5.50 -8.26
C SER A 233 25.80 -6.21 -7.23
N PRO A 234 25.73 -7.55 -7.28
CA PRO A 234 24.74 -8.25 -6.42
C PRO A 234 24.80 -7.89 -4.95
N HIS A 235 25.98 -7.53 -4.41
CA HIS A 235 26.14 -7.24 -2.99
C HIS A 235 26.58 -5.81 -2.70
N GLU A 236 26.77 -4.97 -3.72
CA GLU A 236 27.32 -3.62 -3.53
C GLU A 236 26.27 -2.57 -3.87
N VAL A 237 26.05 -1.64 -2.94
CA VAL A 237 25.13 -0.52 -3.13
C VAL A 237 25.93 0.77 -3.03
N GLN A 238 25.89 1.57 -4.10
CA GLN A 238 26.48 2.90 -4.12
C GLN A 238 25.46 3.90 -3.59
N ILE A 239 25.89 4.73 -2.63
CA ILE A 239 25.02 5.73 -1.98
C ILE A 239 25.56 7.13 -2.25
N THR A 240 24.65 8.06 -2.54
CA THR A 240 24.97 9.48 -2.68
C THR A 240 24.15 10.27 -1.67
N ASP A 241 24.83 11.07 -0.85
CA ASP A 241 24.16 11.79 0.23
C ASP A 241 23.74 13.19 -0.21
N LYS A 242 23.26 14.00 0.74
CA LYS A 242 22.71 15.32 0.44
C LYS A 242 23.79 16.33 0.03
N ASN A 243 25.06 16.00 0.24
CA ASN A 243 26.19 16.81 -0.23
C ASN A 243 26.78 16.27 -1.52
N GLN A 244 26.13 15.31 -2.16
CA GLN A 244 26.65 14.57 -3.31
C GLN A 244 27.93 13.78 -2.99
N LYS A 245 28.20 13.48 -1.71
CA LYS A 245 29.29 12.56 -1.41
C LYS A 245 28.89 11.13 -1.75
N VAL A 246 29.79 10.40 -2.41
CA VAL A 246 29.52 9.09 -2.98
C VAL A 246 30.40 8.04 -2.32
N SER A 247 29.80 6.91 -1.95
CA SER A 247 30.54 5.81 -1.34
C SER A 247 29.78 4.50 -1.61
N THR A 248 30.35 3.38 -1.11
CA THR A 248 29.82 2.05 -1.36
C THR A 248 29.67 1.30 -0.03
N ILE A 249 28.54 0.60 0.11
CA ILE A 249 28.31 -0.30 1.25
C ILE A 249 27.89 -1.65 0.70
N THR A 250 28.21 -2.71 1.46
CA THR A 250 27.93 -4.07 1.05
C THR A 250 26.90 -4.71 1.98
N GLY A 251 26.15 -5.66 1.44
CA GLY A 251 25.13 -6.34 2.19
C GLY A 251 24.91 -7.74 1.66
N ASN A 252 24.55 -8.65 2.58
CA ASN A 252 24.23 -10.04 2.21
C ASN A 252 22.96 -10.12 1.36
N LYS A 253 21.81 -9.84 1.97
CA LYS A 253 20.53 -9.75 1.26
C LYS A 253 20.19 -8.30 0.93
N ILE A 254 19.57 -8.10 -0.23
CA ILE A 254 19.13 -6.79 -0.72
C ILE A 254 17.62 -6.86 -0.96
N ILE A 255 16.87 -5.89 -0.42
CA ILE A 255 15.45 -5.74 -0.76
C ILE A 255 15.28 -4.44 -1.52
N LEU A 256 14.69 -4.52 -2.72
CA LEU A 256 14.34 -3.33 -3.49
C LEU A 256 12.89 -2.93 -3.17
N ALA A 257 12.70 -1.68 -2.79
CA ALA A 257 11.39 -1.22 -2.33
C ALA A 257 11.20 0.25 -2.66
N THR A 258 11.54 0.66 -3.88
CA THR A 258 11.64 2.07 -4.25
C THR A 258 10.34 2.70 -4.78
N GLY A 259 9.26 1.93 -4.97
CA GLY A 259 7.98 2.56 -5.30
C GLY A 259 7.92 3.18 -6.70
N GLU A 260 6.96 4.10 -6.87
CA GLU A 260 6.69 4.75 -8.15
C GLU A 260 6.52 6.25 -7.94
N ARG A 261 6.35 6.99 -9.03
CA ARG A 261 6.08 8.42 -9.04
C ARG A 261 5.14 8.76 -10.18
N PRO A 262 4.47 9.92 -10.12
CA PRO A 262 3.45 10.24 -11.13
C PRO A 262 4.03 10.47 -12.52
N LYS A 263 3.27 10.06 -13.54
CA LYS A 263 3.60 10.33 -14.93
C LYS A 263 2.99 11.66 -15.39
N TYR A 264 3.64 12.29 -16.38
CA TYR A 264 3.13 13.45 -17.10
C TYR A 264 2.91 13.10 -18.57
N PRO A 265 1.85 13.59 -19.19
CA PRO A 265 1.69 13.39 -20.63
C PRO A 265 2.72 14.20 -21.40
N GLU A 266 3.02 13.74 -22.61
CA GLU A 266 4.08 14.34 -23.43
C GLU A 266 3.45 15.44 -24.29
N ILE A 267 3.18 16.58 -23.66
CA ILE A 267 2.58 17.72 -24.35
C ILE A 267 3.25 19.00 -23.87
N PRO A 268 3.22 20.05 -24.70
CA PRO A 268 3.75 21.36 -24.27
C PRO A 268 3.01 21.92 -23.06
N GLY A 269 3.79 22.39 -22.08
CA GLY A 269 3.26 23.07 -20.91
C GLY A 269 2.99 22.19 -19.70
N ALA A 270 2.95 20.87 -19.86
CA ALA A 270 2.51 20.01 -18.77
C ALA A 270 3.44 20.09 -17.56
N VAL A 271 4.73 19.84 -17.77
CA VAL A 271 5.68 19.83 -16.65
C VAL A 271 5.86 21.24 -16.10
N GLU A 272 5.80 22.25 -16.96
CA GLU A 272 6.07 23.62 -16.54
C GLU A 272 4.93 24.20 -15.73
N TYR A 273 3.68 23.93 -16.12
CA TYR A 273 2.56 24.69 -15.60
C TYR A 273 1.52 23.86 -14.83
N GLY A 274 1.53 22.53 -14.97
CA GLY A 274 0.65 21.68 -14.18
C GLY A 274 1.31 21.18 -12.90
N ILE A 275 0.52 20.45 -12.09
CA ILE A 275 1.01 19.78 -10.89
C ILE A 275 0.47 18.36 -10.87
N THR A 276 0.97 17.56 -9.92
CA THR A 276 0.44 16.22 -9.68
C THR A 276 0.01 16.09 -8.23
N SER A 277 -0.47 14.90 -7.87
CA SER A 277 -0.84 14.63 -6.48
C SER A 277 0.33 14.85 -5.52
N ASP A 278 1.57 14.67 -6.00
CA ASP A 278 2.77 14.91 -5.17
C ASP A 278 2.78 16.33 -4.61
N ASP A 279 2.29 17.30 -5.39
CA ASP A 279 2.30 18.71 -5.00
C ASP A 279 1.03 19.14 -4.27
N LEU A 280 -0.08 18.44 -4.50
CA LEU A 280 -1.37 18.96 -4.06
C LEU A 280 -1.49 18.96 -2.54
N PHE A 281 -1.01 17.89 -1.89
CA PHE A 281 -1.26 17.69 -0.46
C PHE A 281 -0.52 18.68 0.43
N SER A 282 0.46 19.45 -0.09
CA SER A 282 1.07 20.50 0.70
C SER A 282 0.98 21.87 0.01
N LEU A 283 0.02 22.06 -0.89
CA LEU A 283 -0.01 23.30 -1.68
C LEU A 283 -0.35 24.48 -0.78
N PRO A 284 0.41 25.57 -0.81
CA PRO A 284 0.17 26.66 0.17
C PRO A 284 -1.12 27.45 -0.08
N TYR A 285 -1.69 27.41 -1.29
CA TYR A 285 -2.90 28.14 -1.64
C TYR A 285 -3.98 27.19 -2.14
N PHE A 286 -5.24 27.60 -2.00
CA PHE A 286 -6.34 26.81 -2.57
C PHE A 286 -6.17 26.79 -4.10
N PRO A 287 -6.32 25.63 -4.75
CA PRO A 287 -6.11 25.57 -6.22
C PRO A 287 -7.03 26.46 -7.03
N GLY A 288 -8.22 26.81 -6.53
CA GLY A 288 -9.21 27.58 -7.31
C GLY A 288 -9.91 26.72 -8.35
N LYS A 289 -10.33 27.35 -9.46
CA LYS A 289 -10.87 26.62 -10.61
C LYS A 289 -9.86 25.63 -11.17
N THR A 290 -10.19 24.34 -11.09
CA THR A 290 -9.25 23.24 -11.24
C THR A 290 -9.70 22.29 -12.33
N LEU A 291 -8.76 21.89 -13.19
CA LEU A 291 -8.96 20.79 -14.13
C LEU A 291 -8.15 19.59 -13.67
N VAL A 292 -8.81 18.43 -13.58
CA VAL A 292 -8.13 17.16 -13.30
C VAL A 292 -8.15 16.34 -14.58
N ILE A 293 -6.96 15.98 -15.07
CA ILE A 293 -6.84 15.19 -16.28
C ILE A 293 -6.54 13.75 -15.86
N GLY A 294 -7.46 12.84 -16.20
CA GLY A 294 -7.35 11.45 -15.83
C GLY A 294 -8.62 10.94 -15.19
N ALA A 295 -8.66 9.63 -15.00
CA ALA A 295 -9.89 8.99 -14.54
C ALA A 295 -9.65 7.82 -13.59
N SER A 296 -8.44 7.68 -13.06
CA SER A 296 -8.06 6.69 -12.06
C SER A 296 -8.69 7.05 -10.70
N TYR A 297 -8.49 6.17 -9.70
CA TYR A 297 -9.05 6.51 -8.38
C TYR A 297 -8.40 7.76 -7.81
N VAL A 298 -7.11 8.00 -8.09
CA VAL A 298 -6.49 9.24 -7.63
C VAL A 298 -7.23 10.44 -8.20
N ALA A 299 -7.53 10.43 -9.50
CA ALA A 299 -8.19 11.56 -10.14
C ALA A 299 -9.55 11.82 -9.51
N LEU A 300 -10.35 10.77 -9.31
CA LEU A 300 -11.72 10.94 -8.84
C LEU A 300 -11.75 11.33 -7.37
N GLU A 301 -10.86 10.74 -6.56
CA GLU A 301 -10.81 11.08 -5.13
C GLU A 301 -10.45 12.55 -4.94
N CYS A 302 -9.42 13.02 -5.66
CA CYS A 302 -8.98 14.40 -5.55
C CYS A 302 -10.04 15.37 -6.05
N ALA A 303 -10.60 15.12 -7.24
CA ALA A 303 -11.70 15.95 -7.72
C ALA A 303 -12.84 16.00 -6.72
N GLY A 304 -13.14 14.86 -6.11
CA GLY A 304 -14.31 14.77 -5.23
C GLY A 304 -14.21 15.64 -4.00
N PHE A 305 -13.06 15.58 -3.28
CA PHE A 305 -12.98 16.44 -2.11
C PHE A 305 -12.81 17.92 -2.50
N LEU A 306 -12.11 18.22 -3.60
CA LEU A 306 -12.02 19.64 -3.98
C LEU A 306 -13.41 20.25 -4.18
N ALA A 307 -14.35 19.49 -4.75
CA ALA A 307 -15.71 20.01 -4.95
C ALA A 307 -16.45 20.18 -3.63
N SER A 308 -16.26 19.23 -2.71
CA SER A 308 -16.89 19.30 -1.40
C SER A 308 -16.35 20.48 -0.58
N LEU A 309 -15.13 20.92 -0.84
CA LEU A 309 -14.56 22.07 -0.17
C LEU A 309 -14.92 23.39 -0.87
N GLY A 310 -15.86 23.35 -1.81
CA GLY A 310 -16.36 24.56 -2.44
C GLY A 310 -15.75 24.92 -3.77
N GLY A 311 -14.90 24.06 -4.36
CA GLY A 311 -14.21 24.42 -5.58
C GLY A 311 -14.99 24.12 -6.86
N ASP A 312 -14.58 24.80 -7.93
CA ASP A 312 -15.10 24.63 -9.28
C ASP A 312 -14.19 23.63 -9.98
N VAL A 313 -14.69 22.42 -10.25
CA VAL A 313 -13.84 21.29 -10.60
C VAL A 313 -14.37 20.60 -11.85
N THR A 314 -13.47 20.36 -12.81
CA THR A 314 -13.74 19.61 -14.03
C THR A 314 -12.76 18.45 -14.14
N VAL A 315 -13.26 17.30 -14.59
CA VAL A 315 -12.47 16.09 -14.79
C VAL A 315 -12.51 15.74 -16.28
N MET A 316 -11.33 15.54 -16.89
CA MET A 316 -11.20 15.32 -18.32
C MET A 316 -10.86 13.85 -18.55
N VAL A 317 -11.81 13.09 -19.10
CA VAL A 317 -11.78 11.63 -19.16
C VAL A 317 -11.46 11.18 -20.59
N ARG A 318 -10.33 10.49 -20.78
CA ARG A 318 -9.96 9.98 -22.11
C ARG A 318 -10.99 8.98 -22.65
N SER A 319 -11.37 7.99 -21.84
CA SER A 319 -12.30 6.93 -22.28
C SER A 319 -13.31 6.57 -21.18
N ILE A 320 -12.89 5.80 -20.17
CA ILE A 320 -13.82 5.34 -19.14
C ILE A 320 -13.29 5.75 -17.76
N LEU A 321 -14.20 5.72 -16.77
CA LEU A 321 -13.84 5.92 -15.37
C LEU A 321 -13.39 4.60 -14.74
N LEU A 322 -12.34 4.67 -13.91
CA LEU A 322 -11.88 3.54 -13.09
C LEU A 322 -11.64 2.27 -13.91
N ARG A 323 -10.87 2.39 -14.98
CA ARG A 323 -10.52 1.23 -15.80
C ARG A 323 -9.92 0.12 -14.93
N GLY A 324 -10.42 -1.10 -15.12
CA GLY A 324 -10.01 -2.22 -14.30
C GLY A 324 -10.93 -2.55 -13.13
N PHE A 325 -11.80 -1.61 -12.72
CA PHE A 325 -12.86 -1.87 -11.74
C PHE A 325 -14.17 -2.18 -12.46
N ASP A 326 -15.10 -2.83 -11.72
CA ASP A 326 -16.48 -3.08 -12.20
C ASP A 326 -17.12 -1.82 -12.78
N GLN A 327 -17.51 -1.88 -14.06
CA GLN A 327 -17.91 -0.65 -14.75
C GLN A 327 -19.32 -0.18 -14.41
N GLN A 328 -20.21 -1.08 -14.01
CA GLN A 328 -21.49 -0.63 -13.45
C GLN A 328 -21.24 0.22 -12.20
N MET A 329 -20.39 -0.28 -11.28
CA MET A 329 -20.12 0.49 -10.08
C MET A 329 -19.36 1.77 -10.39
N ALA A 330 -18.42 1.72 -11.36
CA ALA A 330 -17.71 2.95 -11.75
C ALA A 330 -18.68 4.03 -12.23
N GLU A 331 -19.71 3.63 -12.99
CA GLU A 331 -20.66 4.62 -13.51
C GLU A 331 -21.55 5.19 -12.41
N LYS A 332 -21.97 4.37 -11.44
CA LYS A 332 -22.72 4.91 -10.30
C LYS A 332 -21.87 5.88 -9.47
N VAL A 333 -20.57 5.57 -9.33
CA VAL A 333 -19.64 6.47 -8.64
C VAL A 333 -19.62 7.82 -9.33
N GLY A 334 -19.38 7.82 -10.64
CA GLY A 334 -19.30 9.07 -11.40
C GLY A 334 -20.62 9.82 -11.47
N ASP A 335 -21.73 9.08 -11.59
CA ASP A 335 -23.04 9.73 -11.59
C ASP A 335 -23.29 10.50 -10.28
N TYR A 336 -22.88 9.93 -9.14
CA TYR A 336 -23.06 10.64 -7.87
C TYR A 336 -22.24 11.94 -7.88
N MET A 337 -20.98 11.88 -8.32
CA MET A 337 -20.13 13.07 -8.33
C MET A 337 -20.70 14.15 -9.24
N GLU A 338 -21.22 13.76 -10.42
CA GLU A 338 -21.80 14.74 -11.35
C GLU A 338 -23.05 15.39 -10.77
N ASN A 339 -23.88 14.64 -10.05
CA ASN A 339 -25.05 15.25 -9.41
C ASN A 339 -24.67 16.16 -8.25
N HIS A 340 -23.49 15.99 -7.65
CA HIS A 340 -23.05 16.84 -6.55
C HIS A 340 -21.91 17.78 -6.94
N GLY A 341 -21.92 18.30 -8.16
CA GLY A 341 -21.03 19.40 -8.49
C GLY A 341 -19.98 19.15 -9.56
N VAL A 342 -19.34 17.99 -9.56
CA VAL A 342 -18.17 17.76 -10.43
C VAL A 342 -18.59 17.73 -11.89
N LYS A 343 -17.93 18.54 -12.72
CA LYS A 343 -18.17 18.53 -14.16
C LYS A 343 -17.24 17.55 -14.85
N PHE A 344 -17.70 16.99 -15.97
CA PHE A 344 -16.95 15.97 -16.69
C PHE A 344 -16.85 16.33 -18.18
N ALA A 345 -15.63 16.28 -18.71
CA ALA A 345 -15.36 16.44 -20.14
C ALA A 345 -15.03 15.06 -20.68
N LYS A 346 -16.05 14.39 -21.22
CA LYS A 346 -15.97 12.97 -21.56
C LYS A 346 -15.44 12.77 -22.97
N LEU A 347 -14.71 11.67 -23.16
CA LEU A 347 -14.01 11.32 -24.41
C LEU A 347 -13.13 12.47 -24.92
N CYS A 348 -12.22 12.94 -24.05
CA CYS A 348 -11.44 14.14 -24.29
C CYS A 348 -10.01 13.94 -23.83
N VAL A 349 -9.06 14.54 -24.56
CA VAL A 349 -7.63 14.53 -24.18
C VAL A 349 -7.05 15.92 -24.38
N PRO A 350 -6.01 16.25 -23.60
CA PRO A 350 -5.38 17.58 -23.74
C PRO A 350 -4.27 17.59 -24.78
N ASP A 351 -4.11 18.74 -25.46
CA ASP A 351 -3.02 18.92 -26.42
C ASP A 351 -1.92 19.88 -25.98
N GLU A 352 -2.22 20.91 -25.18
CA GLU A 352 -1.18 21.80 -24.68
C GLU A 352 -1.73 22.65 -23.54
N ILE A 353 -0.83 23.11 -22.67
CA ILE A 353 -1.19 24.04 -21.58
C ILE A 353 -0.60 25.43 -21.79
N GLN A 355 0.48 29.33 -20.49
CA GLN A 355 0.52 30.17 -19.27
C GLN A 355 0.02 31.58 -19.52
N LEU A 356 -0.97 32.01 -18.73
CA LEU A 356 -1.51 33.36 -18.80
C LEU A 356 -1.15 34.21 -17.59
N LYS A 357 -0.86 33.60 -16.45
CA LYS A 357 -0.48 34.33 -15.24
C LYS A 357 0.37 33.43 -14.37
N VAL A 358 1.46 33.98 -13.85
CA VAL A 358 2.43 33.24 -13.04
C VAL A 358 1.91 33.13 -11.61
N VAL A 359 2.19 31.98 -10.97
CA VAL A 359 1.81 31.77 -9.58
C VAL A 359 2.46 32.83 -8.70
N ASP A 360 1.69 33.41 -7.77
CA ASP A 360 2.20 34.45 -6.87
C ASP A 360 2.36 33.87 -5.46
N THR A 361 3.57 33.42 -5.15
CA THR A 361 3.75 32.71 -3.89
C THR A 361 3.78 33.65 -2.69
N GLU A 362 4.12 34.92 -2.88
CA GLU A 362 4.15 35.86 -1.75
C GLU A 362 2.74 36.16 -1.26
N ASN A 363 1.79 36.33 -2.17
CA ASN A 363 0.40 36.64 -1.83
C ASN A 363 -0.51 35.42 -1.88
N ASN A 364 0.04 34.22 -2.07
CA ASN A 364 -0.69 32.96 -1.90
C ASN A 364 -1.84 32.85 -2.90
N LYS A 365 -1.51 32.95 -4.18
CA LYS A 365 -2.50 32.99 -5.25
C LYS A 365 -2.04 32.09 -6.39
N PRO A 366 -2.92 31.28 -6.96
CA PRO A 366 -2.55 30.50 -8.14
C PRO A 366 -2.38 31.41 -9.34
N GLY A 367 -1.78 30.88 -10.40
CA GLY A 367 -1.75 31.57 -11.68
C GLY A 367 -3.02 31.37 -12.49
N LEU A 368 -2.86 31.39 -13.81
CA LEU A 368 -3.97 31.13 -14.73
C LEU A 368 -3.42 30.48 -16.00
N LEU A 369 -4.10 29.42 -16.46
CA LEU A 369 -3.65 28.62 -17.58
C LEU A 369 -4.75 28.50 -18.62
N LEU A 370 -4.37 28.37 -19.88
CA LEU A 370 -5.29 28.08 -20.96
C LEU A 370 -5.03 26.65 -21.41
N VAL A 371 -6.04 25.79 -21.35
CA VAL A 371 -5.94 24.39 -21.75
C VAL A 371 -6.63 24.18 -23.09
N LYS A 372 -5.91 23.60 -24.06
CA LYS A 372 -6.48 23.23 -25.35
C LYS A 372 -6.45 21.71 -25.54
N GLY A 373 -7.54 21.15 -26.06
CA GLY A 373 -7.62 19.72 -26.28
C GLY A 373 -8.64 19.38 -27.35
N HIS A 374 -8.92 18.07 -27.51
CA HIS A 374 -9.93 17.65 -28.48
C HIS A 374 -10.65 16.39 -28.05
N TYR A 375 -11.92 16.27 -28.47
CA TYR A 375 -12.77 15.10 -28.26
C TYR A 375 -12.55 14.07 -29.36
N THR A 376 -12.92 12.81 -29.07
CA THR A 376 -12.55 11.74 -29.98
C THR A 376 -13.20 11.88 -31.36
N ASP A 377 -14.27 12.68 -31.49
CA ASP A 377 -14.85 12.92 -32.82
C ASP A 377 -14.17 14.04 -33.58
N GLY A 378 -13.22 14.75 -32.96
CA GLY A 378 -12.49 15.82 -33.61
C GLY A 378 -12.86 17.22 -33.16
N LYS A 379 -13.98 17.39 -32.45
CA LYS A 379 -14.33 18.70 -31.93
C LYS A 379 -13.25 19.19 -30.96
N LYS A 380 -13.21 20.52 -30.76
CA LYS A 380 -12.16 21.18 -29.99
C LYS A 380 -12.60 21.47 -28.56
N PHE A 381 -11.65 21.39 -27.63
CA PHE A 381 -11.80 21.84 -26.24
C PHE A 381 -10.86 23.02 -26.00
N GLU A 382 -11.37 24.07 -25.33
CA GLU A 382 -10.55 25.23 -24.96
C GLU A 382 -11.19 25.93 -23.77
N GLU A 383 -10.43 26.10 -22.68
CA GLU A 383 -11.02 26.70 -21.49
C GLU A 383 -9.88 27.08 -20.53
N GLU A 384 -10.11 28.11 -19.69
CA GLU A 384 -9.11 28.61 -18.74
C GLU A 384 -9.28 27.98 -17.36
N PHE A 385 -8.16 27.69 -16.68
CA PHE A 385 -8.16 27.15 -15.32
C PHE A 385 -7.02 27.77 -14.51
N GLU A 386 -7.20 27.81 -13.18
CA GLU A 386 -6.16 28.34 -12.29
C GLU A 386 -5.13 27.27 -11.94
N THR A 387 -5.56 26.01 -11.85
CA THR A 387 -4.72 24.86 -11.52
C THR A 387 -5.08 23.71 -12.44
N VAL A 388 -4.06 22.99 -12.91
CA VAL A 388 -4.26 21.79 -13.71
C VAL A 388 -3.51 20.66 -13.03
N ILE A 389 -4.22 19.60 -12.66
CA ILE A 389 -3.64 18.44 -11.96
C ILE A 389 -3.65 17.24 -12.90
N PHE A 390 -2.48 16.62 -13.08
CA PHE A 390 -2.33 15.42 -13.90
C PHE A 390 -2.38 14.18 -13.02
N ALA A 391 -3.36 13.29 -13.28
CA ALA A 391 -3.45 11.97 -12.65
C ALA A 391 -3.61 10.94 -13.77
N VAL A 392 -2.54 10.73 -14.53
CA VAL A 392 -2.56 9.84 -15.69
C VAL A 392 -1.66 8.63 -15.47
N GLY A 393 -1.46 8.24 -14.21
CA GLY A 393 -0.79 7.00 -13.87
C GLY A 393 0.54 7.25 -13.18
N ARG A 394 1.18 6.15 -12.77
CA ARG A 394 2.43 6.16 -12.02
C ARG A 394 3.34 5.08 -12.59
N GLU A 395 4.67 5.25 -12.46
CA GLU A 395 5.63 4.30 -13.02
C GLU A 395 6.88 4.24 -12.15
N PRO A 396 7.59 3.12 -12.15
CA PRO A 396 8.89 3.07 -11.47
C PRO A 396 9.95 3.73 -12.34
N GLN A 397 11.11 3.95 -11.74
CA GLN A 397 12.24 4.47 -12.51
C GLN A 397 13.48 3.66 -12.14
N LEU A 398 13.45 2.36 -12.45
CA LEU A 398 14.49 1.49 -11.94
C LEU A 398 15.84 1.68 -12.63
N SER A 399 15.88 2.37 -13.77
CA SER A 399 17.19 2.71 -14.32
C SER A 399 18.00 3.60 -13.36
N LYS A 400 17.34 4.32 -12.45
CA LYS A 400 18.04 5.08 -11.41
C LYS A 400 18.43 4.22 -10.21
N VAL A 401 17.83 3.03 -10.06
CA VAL A 401 18.04 2.21 -8.89
C VAL A 401 18.98 1.03 -9.18
N LEU A 402 19.18 0.68 -10.44
CA LEU A 402 19.59 -0.67 -10.79
C LEU A 402 20.47 -0.62 -12.04
N CYS A 403 21.75 -0.94 -11.89
CA CYS A 403 22.60 -1.14 -13.07
C CYS A 403 22.15 -2.42 -13.79
N GLU A 404 21.84 -2.31 -15.08
CA GLU A 404 21.33 -3.48 -15.78
C GLU A 404 22.34 -4.62 -15.87
N THR A 405 23.62 -4.37 -15.60
CA THR A 405 24.58 -5.49 -15.58
C THR A 405 24.49 -6.36 -14.33
N VAL A 406 23.78 -5.93 -13.27
CA VAL A 406 23.57 -6.82 -12.13
C VAL A 406 22.79 -8.06 -12.56
N GLY A 407 21.90 -7.93 -13.53
CA GLY A 407 21.17 -9.07 -14.03
C GLY A 407 19.78 -9.27 -13.46
N VAL A 408 19.18 -8.25 -12.86
CA VAL A 408 17.81 -8.32 -12.37
C VAL A 408 16.87 -8.12 -13.55
N LYS A 409 15.99 -9.10 -13.79
CA LYS A 409 15.13 -9.09 -14.97
C LYS A 409 13.90 -8.21 -14.73
N LEU A 410 13.57 -7.37 -15.71
CA LEU A 410 12.39 -6.50 -15.66
C LEU A 410 11.42 -6.87 -16.77
N ASP A 411 10.14 -6.53 -16.58
CA ASP A 411 9.11 -6.79 -17.58
C ASP A 411 8.96 -5.59 -18.51
N LYS A 412 8.01 -5.66 -19.44
CA LYS A 412 7.90 -4.59 -20.44
C LYS A 412 7.45 -3.25 -19.85
N ASN A 413 6.94 -3.22 -18.62
CA ASN A 413 6.62 -1.98 -17.92
C ASN A 413 7.69 -1.54 -16.94
N GLY A 414 8.86 -2.19 -16.95
CA GLY A 414 9.92 -1.77 -16.05
C GLY A 414 9.73 -2.19 -14.61
N ARG A 415 8.85 -3.15 -14.32
CA ARG A 415 8.70 -3.70 -12.98
C ARG A 415 9.49 -5.02 -12.86
N VAL A 416 9.81 -5.39 -11.63
CA VAL A 416 10.72 -6.51 -11.35
C VAL A 416 9.95 -7.83 -11.37
N VAL A 417 10.41 -8.78 -12.20
CA VAL A 417 9.81 -10.10 -12.31
C VAL A 417 10.31 -10.95 -11.14
N CYS A 418 9.37 -11.49 -10.34
CA CYS A 418 9.72 -12.15 -9.09
C CYS A 418 9.08 -13.53 -9.01
N THR A 419 9.74 -14.44 -8.31
CA THR A 419 9.10 -15.68 -7.88
C THR A 419 8.08 -15.38 -6.78
N ASP A 420 7.35 -16.41 -6.36
CA ASP A 420 6.27 -16.21 -5.39
C ASP A 420 6.79 -16.01 -3.97
N ASP A 421 8.10 -16.05 -3.75
CA ASP A 421 8.68 -15.61 -2.49
C ASP A 421 9.48 -14.31 -2.65
N GLU A 422 9.16 -13.52 -3.68
CA GLU A 422 9.71 -12.19 -3.96
C GLU A 422 11.16 -12.20 -4.45
N GLN A 423 11.73 -13.35 -4.78
CA GLN A 423 13.10 -13.42 -5.29
C GLN A 423 13.18 -12.95 -6.74
N THR A 424 14.22 -12.17 -7.05
CA THR A 424 14.50 -11.77 -8.44
C THR A 424 15.32 -12.85 -9.12
N THR A 425 15.80 -12.57 -10.35
CA THR A 425 16.69 -13.52 -11.02
C THR A 425 18.12 -13.52 -10.45
N VAL A 426 18.44 -12.66 -9.48
CA VAL A 426 19.69 -12.70 -8.74
C VAL A 426 19.41 -13.21 -7.32
N SER A 427 20.10 -14.28 -6.91
CA SER A 427 19.59 -15.13 -5.84
C SER A 427 19.48 -14.42 -4.48
N ASN A 428 20.28 -13.38 -4.23
CA ASN A 428 20.28 -12.68 -2.95
C ASN A 428 19.46 -11.38 -2.97
N VAL A 429 18.79 -11.08 -4.09
CA VAL A 429 18.11 -9.80 -4.28
C VAL A 429 16.61 -10.07 -4.41
N TYR A 430 15.81 -9.31 -3.65
CA TYR A 430 14.35 -9.42 -3.61
C TYR A 430 13.72 -8.07 -3.92
N ALA A 431 12.44 -8.11 -4.28
CA ALA A 431 11.67 -6.91 -4.57
C ALA A 431 10.27 -7.02 -3.96
N ILE A 432 9.76 -5.90 -3.40
CA ILE A 432 8.46 -5.85 -2.71
C ILE A 432 7.74 -4.56 -3.06
N GLY A 433 6.41 -4.56 -2.90
CA GLY A 433 5.63 -3.33 -3.05
C GLY A 433 5.26 -3.03 -4.50
N ASP A 434 5.15 -1.74 -4.83
CA ASP A 434 4.63 -1.37 -6.15
C ASP A 434 5.53 -1.81 -7.31
N ILE A 435 6.83 -2.05 -7.09
CA ILE A 435 7.71 -2.45 -8.20
C ILE A 435 7.67 -3.95 -8.47
N ASN A 436 6.97 -4.74 -7.67
CA ASN A 436 6.81 -6.17 -7.91
C ASN A 436 5.77 -6.37 -9.01
N ALA A 437 6.22 -6.78 -10.20
CA ALA A 437 5.36 -6.96 -11.36
C ALA A 437 4.15 -7.84 -11.06
N GLY A 438 2.97 -7.38 -11.47
CA GLY A 438 1.76 -8.17 -11.42
C GLY A 438 1.02 -8.18 -10.11
N LYS A 439 1.56 -7.52 -9.04
CA LYS A 439 0.94 -7.53 -7.71
C LYS A 439 0.02 -6.33 -7.52
N PRO A 440 -1.03 -6.44 -6.70
CA PRO A 440 -1.82 -5.25 -6.36
C PRO A 440 -0.94 -4.18 -5.72
N GLN A 441 -1.18 -2.94 -6.10
CA GLN A 441 -0.31 -1.83 -5.70
C GLN A 441 -0.98 -1.10 -4.54
N LEU A 442 -0.81 -1.64 -3.34
CA LEU A 442 -1.49 -1.14 -2.15
C LEU A 442 -0.56 -1.19 -0.95
N THR A 443 -0.80 -0.28 0.01
CA THR A 443 0.09 -0.17 1.17
C THR A 443 0.04 -1.43 2.07
N PRO A 444 -1.12 -1.97 2.44
CA PRO A 444 -1.10 -3.21 3.27
C PRO A 444 -0.52 -4.44 2.57
N VAL A 445 -0.62 -4.55 1.24
CA VAL A 445 0.09 -5.62 0.55
C VAL A 445 1.60 -5.46 0.72
N ALA A 446 2.09 -4.23 0.57
CA ALA A 446 3.53 -4.00 0.68
C ALA A 446 4.04 -4.31 2.09
N ILE A 447 3.28 -3.93 3.12
CA ILE A 447 3.65 -4.20 4.50
C ILE A 447 3.68 -5.71 4.77
N GLN A 448 2.66 -6.43 4.31
CA GLN A 448 2.62 -7.88 4.53
C GLN A 448 3.77 -8.58 3.80
N ALA A 449 4.04 -8.21 2.55
CA ALA A 449 5.15 -8.81 1.80
C ALA A 449 6.46 -8.61 2.55
N GLY A 450 6.74 -7.36 2.97
CA GLY A 450 8.00 -7.06 3.64
C GLY A 450 8.18 -7.79 4.95
N ARG A 451 7.15 -7.77 5.81
CA ARG A 451 7.26 -8.46 7.10
C ARG A 451 7.44 -9.96 6.92
N TYR A 452 6.65 -10.57 6.03
CA TYR A 452 6.73 -12.02 5.82
C TYR A 452 8.07 -12.41 5.20
N LEU A 453 8.59 -11.58 4.28
CA LEU A 453 9.89 -11.86 3.67
C LEU A 453 11.01 -11.82 4.70
N ALA A 454 11.05 -10.79 5.55
CA ALA A 454 12.08 -10.73 6.58
C ALA A 454 12.04 -11.94 7.51
N ARG A 455 10.85 -12.48 7.79
CA ARG A 455 10.79 -13.64 8.67
C ARG A 455 11.37 -14.89 7.99
N ARG A 456 11.16 -15.04 6.68
CA ARG A 456 11.71 -16.18 5.96
C ARG A 456 13.24 -16.08 5.86
N LEU A 457 13.77 -14.88 5.65
CA LEU A 457 15.23 -14.73 5.51
C LEU A 457 15.96 -14.98 6.82
N PHE A 458 15.43 -14.45 7.93
CA PHE A 458 16.20 -14.35 9.15
C PHE A 458 15.62 -15.10 10.34
N ALA A 459 14.45 -15.74 10.21
CA ALA A 459 13.87 -16.52 11.30
C ALA A 459 13.39 -17.89 10.84
N GLY A 460 13.76 -18.32 9.64
CA GLY A 460 13.37 -19.64 9.16
C GLY A 460 11.87 -19.83 8.94
N ALA A 461 11.12 -18.77 8.73
CA ALA A 461 9.69 -18.94 8.47
C ALA A 461 9.46 -19.43 7.05
N THR A 462 8.28 -19.97 6.80
CA THR A 462 7.91 -20.48 5.49
C THR A 462 6.69 -19.79 4.86
N GLU A 463 5.92 -19.01 5.62
CA GLU A 463 4.64 -18.54 5.12
C GLU A 463 4.85 -17.53 3.98
N LEU A 464 4.11 -17.72 2.89
CA LEU A 464 4.12 -16.79 1.77
C LEU A 464 3.02 -15.74 1.90
N THR A 465 3.19 -14.61 1.21
CA THR A 465 2.13 -13.62 1.06
C THR A 465 1.08 -14.10 0.06
N ASP A 466 -0.20 -13.96 0.41
CA ASP A 466 -1.30 -14.36 -0.48
C ASP A 466 -1.81 -13.10 -1.19
N TYR A 467 -1.64 -13.03 -2.50
CA TYR A 467 -1.98 -11.82 -3.24
C TYR A 467 -3.38 -11.87 -3.87
N SER A 468 -4.18 -12.90 -3.61
CA SER A 468 -5.45 -13.06 -4.30
C SER A 468 -6.61 -12.47 -3.48
N ASN A 469 -7.61 -11.95 -4.20
CA ASN A 469 -8.85 -11.47 -3.58
C ASN A 469 -8.58 -10.39 -2.53
N VAL A 470 -7.62 -9.52 -2.81
CA VAL A 470 -7.30 -8.42 -1.87
C VAL A 470 -8.34 -7.32 -2.06
N ALA A 471 -9.02 -6.95 -0.96
CA ALA A 471 -10.10 -5.97 -1.01
C ALA A 471 -9.56 -4.55 -1.17
N THR A 472 -10.40 -3.68 -1.74
CA THR A 472 -10.07 -2.29 -2.09
C THR A 472 -11.20 -1.36 -1.66
N THR A 473 -10.89 -0.07 -1.44
CA THR A 473 -11.93 0.95 -1.33
C THR A 473 -11.50 2.22 -2.02
N VAL A 474 -12.38 2.76 -2.86
CA VAL A 474 -12.20 4.06 -3.50
C VAL A 474 -12.95 5.10 -2.68
N PHE A 475 -12.22 6.11 -2.21
CA PHE A 475 -12.75 7.11 -1.28
C PHE A 475 -13.25 8.35 -2.03
N THR A 476 -14.11 8.12 -3.02
CA THR A 476 -14.89 9.18 -3.65
C THR A 476 -15.92 9.72 -2.66
N PRO A 477 -16.59 10.85 -2.98
CA PRO A 477 -17.59 11.40 -2.01
C PRO A 477 -18.62 10.39 -1.52
N LEU A 478 -19.16 9.55 -2.41
CA LEU A 478 -19.81 8.30 -2.00
C LEU A 478 -18.82 7.16 -2.27
N GLU A 479 -18.40 6.48 -1.21
CA GLU A 479 -17.31 5.51 -1.26
C GLU A 479 -17.72 4.19 -1.92
N TYR A 480 -16.74 3.52 -2.55
CA TYR A 480 -16.96 2.27 -3.28
C TYR A 480 -15.97 1.20 -2.79
N GLY A 481 -16.46 0.17 -2.12
CA GLY A 481 -15.63 -0.93 -1.64
C GLY A 481 -15.89 -2.19 -2.45
N ALA A 482 -14.85 -2.99 -2.65
CA ALA A 482 -14.97 -4.21 -3.45
C ALA A 482 -13.99 -5.26 -2.97
N CYS A 483 -14.36 -6.53 -3.17
CA CYS A 483 -13.47 -7.67 -2.94
C CYS A 483 -13.75 -8.75 -3.98
N GLY A 484 -12.73 -9.13 -4.77
CA GLY A 484 -12.87 -10.20 -5.74
C GLY A 484 -13.18 -9.73 -7.15
N LEU A 485 -13.90 -10.55 -7.93
CA LEU A 485 -14.08 -10.28 -9.36
C LEU A 485 -15.17 -9.24 -9.62
N SER A 486 -14.92 -8.35 -10.60
CA SER A 486 -16.02 -7.59 -11.19
C SER A 486 -16.98 -8.54 -11.89
N GLU A 487 -18.22 -8.07 -12.11
CA GLU A 487 -19.23 -8.88 -12.79
C GLU A 487 -18.81 -9.25 -14.22
N GLU A 488 -18.27 -8.29 -14.98
CA GLU A 488 -17.85 -8.60 -16.35
C GLU A 488 -16.70 -9.60 -16.37
N ASP A 489 -15.78 -9.51 -15.40
CA ASP A 489 -14.69 -10.49 -15.36
C ASP A 489 -15.20 -11.88 -15.01
N ALA A 490 -16.17 -11.98 -14.10
CA ALA A 490 -16.69 -13.30 -13.77
C ALA A 490 -17.41 -13.92 -14.97
N ILE A 491 -18.19 -13.11 -15.71
CA ILE A 491 -18.91 -13.59 -16.89
C ILE A 491 -17.94 -14.04 -17.99
N GLU A 492 -16.86 -13.27 -18.20
CA GLU A 492 -15.82 -13.67 -19.15
C GLU A 492 -15.18 -15.01 -18.80
N LYS A 493 -14.89 -15.23 -17.52
CA LYS A 493 -14.17 -16.44 -17.12
C LYS A 493 -15.04 -17.70 -17.10
N TYR A 494 -16.32 -17.58 -16.75
CA TYR A 494 -17.17 -18.73 -16.49
C TYR A 494 -18.36 -18.84 -17.43
N GLY A 495 -18.74 -17.76 -18.12
CA GLY A 495 -19.92 -17.76 -18.98
C GLY A 495 -21.15 -17.19 -18.30
N ASP A 496 -21.97 -16.44 -19.06
CA ASP A 496 -23.13 -15.79 -18.46
C ASP A 496 -24.10 -16.77 -17.80
N LYS A 497 -24.21 -17.98 -18.33
CA LYS A 497 -25.18 -18.93 -17.82
C LYS A 497 -24.82 -19.41 -16.43
N ASP A 498 -23.53 -19.44 -16.11
CA ASP A 498 -23.02 -19.93 -14.84
C ASP A 498 -22.86 -18.82 -13.78
N ILE A 499 -23.32 -17.60 -14.06
CA ILE A 499 -23.18 -16.48 -13.12
C ILE A 499 -24.57 -16.01 -12.69
N GLU A 500 -24.77 -15.90 -11.37
CA GLU A 500 -25.95 -15.34 -10.73
C GLU A 500 -25.55 -14.10 -9.93
N VAL A 501 -26.33 -13.01 -10.05
CA VAL A 501 -26.02 -11.74 -9.37
C VAL A 501 -27.21 -11.34 -8.50
N TYR A 502 -26.98 -11.27 -7.19
CA TYR A 502 -27.96 -10.75 -6.24
C TYR A 502 -27.63 -9.29 -5.93
N HIS A 503 -28.65 -8.42 -5.91
CA HIS A 503 -28.38 -7.00 -5.71
C HIS A 503 -29.56 -6.30 -5.06
N SER A 504 -29.29 -5.11 -4.53
CA SER A 504 -30.31 -4.27 -3.90
C SER A 504 -29.80 -2.82 -3.79
N ASN A 505 -30.71 -1.86 -3.92
CA ASN A 505 -30.48 -0.52 -3.41
C ASN A 505 -30.69 -0.50 -1.90
N PHE A 506 -30.21 0.57 -1.25
CA PHE A 506 -30.50 0.79 0.16
C PHE A 506 -30.36 2.27 0.47
N LYS A 507 -30.87 2.65 1.64
CA LYS A 507 -30.78 4.03 2.14
C LYS A 507 -30.27 3.97 3.57
N PRO A 508 -29.17 4.64 3.90
CA PRO A 508 -28.73 4.66 5.30
C PRO A 508 -29.81 5.30 6.17
N LEU A 509 -30.05 4.70 7.34
CA LEU A 509 -30.97 5.33 8.28
C LEU A 509 -30.59 6.79 8.55
N GLU A 510 -29.29 7.08 8.61
CA GLU A 510 -28.84 8.47 8.82
C GLU A 510 -29.30 9.42 7.73
N TRP A 511 -29.63 8.91 6.54
CA TRP A 511 -30.04 9.77 5.43
C TRP A 511 -31.52 10.14 5.47
N THR A 512 -32.32 9.54 6.37
CA THR A 512 -33.76 9.69 6.29
C THR A 512 -34.18 11.07 6.79
N VAL A 513 -33.88 11.36 8.06
CA VAL A 513 -34.19 12.66 8.65
C VAL A 513 -33.46 13.77 7.91
N ALA A 514 -32.32 13.44 7.27
CA ALA A 514 -31.53 14.45 6.55
C ALA A 514 -32.05 14.71 5.14
N HIS A 515 -33.03 13.93 4.67
CA HIS A 515 -33.63 14.10 3.34
C HIS A 515 -32.63 13.91 2.20
N ARG A 516 -31.72 12.94 2.34
CA ARG A 516 -30.84 12.57 1.23
C ARG A 516 -31.53 11.53 0.35
N GLU A 517 -30.84 11.08 -0.71
CA GLU A 517 -31.46 10.37 -1.82
C GLU A 517 -31.82 8.92 -1.49
N ASP A 518 -32.90 8.45 -2.12
CA ASP A 518 -33.52 7.17 -1.75
C ASP A 518 -32.81 5.96 -2.35
N ASN A 519 -32.40 6.05 -3.61
CA ASN A 519 -31.98 4.87 -4.37
C ASN A 519 -30.63 5.09 -5.05
N VAL A 520 -29.68 5.63 -4.32
CA VAL A 520 -28.34 5.86 -4.86
C VAL A 520 -27.32 4.86 -4.31
N CYS A 521 -27.43 4.51 -3.03
CA CYS A 521 -26.59 3.46 -2.49
C CYS A 521 -27.01 2.11 -3.06
N TYR A 522 -26.04 1.22 -3.25
CA TYR A 522 -26.24 0.00 -4.03
C TYR A 522 -25.21 -1.05 -3.62
N MET A 523 -25.59 -2.34 -3.69
CA MET A 523 -24.68 -3.44 -3.38
C MET A 523 -25.04 -4.69 -4.19
N LYS A 524 -24.05 -5.56 -4.44
CA LYS A 524 -24.32 -6.79 -5.19
C LYS A 524 -23.31 -7.87 -4.83
N LEU A 525 -23.74 -9.14 -4.99
CA LEU A 525 -22.87 -10.31 -4.88
C LEU A 525 -22.88 -11.05 -6.21
N VAL A 526 -21.70 -11.29 -6.77
CA VAL A 526 -21.51 -12.01 -8.03
C VAL A 526 -21.14 -13.45 -7.69
N CYS A 527 -21.97 -14.42 -8.10
CA CYS A 527 -21.85 -15.79 -7.61
C CYS A 527 -21.76 -16.80 -8.76
N ARG A 528 -21.04 -17.91 -8.51
CA ARG A 528 -20.87 -18.99 -9.47
C ARG A 528 -21.87 -20.11 -9.16
N LYS A 529 -22.84 -20.29 -10.06
CA LYS A 529 -23.91 -21.25 -9.85
C LYS A 529 -23.37 -22.67 -9.66
N SER A 530 -22.48 -23.10 -10.55
CA SER A 530 -22.04 -24.49 -10.55
C SER A 530 -21.03 -24.80 -9.43
N ASP A 531 -20.73 -23.87 -8.55
CA ASP A 531 -19.83 -24.12 -7.42
C ASP A 531 -20.52 -23.73 -6.12
N ASN A 532 -21.73 -24.27 -5.92
CA ASN A 532 -22.54 -24.04 -4.70
C ASN A 532 -22.78 -22.55 -4.45
N MET A 533 -22.91 -21.80 -5.53
CA MET A 533 -23.21 -20.36 -5.50
C MET A 533 -22.10 -19.61 -4.74
N ARG A 534 -20.85 -19.98 -5.02
CA ARG A 534 -19.69 -19.33 -4.42
C ARG A 534 -19.73 -17.84 -4.71
N VAL A 535 -19.36 -17.02 -3.71
CA VAL A 535 -19.29 -15.57 -3.91
C VAL A 535 -17.95 -15.27 -4.59
N LEU A 536 -18.01 -14.88 -5.86
CA LEU A 536 -16.81 -14.52 -6.61
C LEU A 536 -16.39 -13.07 -6.42
N GLY A 537 -17.36 -12.18 -6.16
CA GLY A 537 -17.08 -10.76 -5.99
C GLY A 537 -18.15 -10.04 -5.19
N LEU A 538 -17.74 -9.11 -4.31
CA LEU A 538 -18.65 -8.32 -3.48
C LEU A 538 -18.41 -6.85 -3.78
N HIS A 539 -19.50 -6.07 -3.91
CA HIS A 539 -19.45 -4.68 -4.37
C HIS A 539 -20.43 -3.83 -3.57
N VAL A 540 -19.99 -2.68 -3.04
CA VAL A 540 -20.88 -1.82 -2.26
C VAL A 540 -20.52 -0.35 -2.46
N LEU A 541 -21.54 0.46 -2.76
CA LEU A 541 -21.42 1.90 -2.90
C LEU A 541 -22.27 2.53 -1.79
N GLY A 542 -21.63 3.32 -0.91
CA GLY A 542 -22.29 3.81 0.29
C GLY A 542 -21.32 4.40 1.30
N PRO A 543 -21.85 5.02 2.37
CA PRO A 543 -20.98 5.57 3.43
C PRO A 543 -20.20 4.48 4.13
N ASN A 544 -18.97 4.82 4.54
CA ASN A 544 -18.11 3.90 5.31
C ASN A 544 -17.86 2.58 4.58
N ALA A 545 -17.76 2.62 3.24
CA ALA A 545 -17.65 1.39 2.44
C ALA A 545 -16.44 0.57 2.85
N GLY A 546 -15.34 1.22 3.26
CA GLY A 546 -14.17 0.48 3.70
C GLY A 546 -14.43 -0.33 4.96
N GLU A 547 -15.10 0.27 5.95
CA GLU A 547 -15.42 -0.49 7.16
C GLU A 547 -16.40 -1.61 6.85
N ILE A 548 -17.35 -1.38 5.94
CA ILE A 548 -18.31 -2.42 5.54
C ILE A 548 -17.58 -3.62 4.92
N THR A 549 -16.69 -3.35 3.95
CA THR A 549 -16.13 -4.41 3.12
C THR A 549 -15.14 -5.29 3.88
N GLN A 550 -14.34 -4.69 4.77
CA GLN A 550 -13.17 -5.36 5.33
C GLN A 550 -13.49 -6.76 5.85
N GLY A 551 -14.46 -6.87 6.75
CA GLY A 551 -14.72 -8.14 7.40
C GLY A 551 -15.18 -9.22 6.44
N TYR A 552 -15.92 -8.83 5.40
CA TYR A 552 -16.32 -9.82 4.39
C TYR A 552 -15.11 -10.39 3.64
N ALA A 553 -13.97 -9.68 3.62
CA ALA A 553 -12.79 -10.20 2.92
C ALA A 553 -12.26 -11.47 3.58
N VAL A 554 -12.40 -11.61 4.90
CA VAL A 554 -12.04 -12.87 5.58
C VAL A 554 -12.94 -14.00 5.10
N ALA A 555 -14.24 -13.75 5.02
CA ALA A 555 -15.15 -14.83 4.63
C ALA A 555 -14.91 -15.26 3.19
N ILE A 556 -14.61 -14.30 2.31
CA ILE A 556 -14.32 -14.66 0.92
C ILE A 556 -13.00 -15.41 0.83
N LYS A 557 -12.00 -15.00 1.60
CA LYS A 557 -10.76 -15.75 1.70
C LYS A 557 -11.01 -17.23 2.06
N MET A 558 -11.98 -17.50 2.93
CA MET A 558 -12.29 -18.90 3.25
C MET A 558 -13.34 -19.52 2.34
N GLY A 559 -13.72 -18.85 1.27
CA GLY A 559 -14.63 -19.45 0.29
C GLY A 559 -16.12 -19.36 0.60
N ALA A 560 -16.59 -18.19 1.03
CA ALA A 560 -18.00 -18.05 1.36
C ALA A 560 -18.88 -18.29 0.14
N THR A 561 -20.06 -18.86 0.39
CA THR A 561 -21.14 -19.04 -0.58
C THR A 561 -22.32 -18.15 -0.20
N LYS A 562 -23.27 -18.01 -1.13
CA LYS A 562 -24.53 -17.33 -0.82
C LYS A 562 -25.19 -17.91 0.42
N ALA A 563 -25.13 -19.23 0.60
CA ALA A 563 -25.76 -19.83 1.78
C ALA A 563 -25.08 -19.36 3.08
N ASP A 564 -23.77 -19.12 3.05
CA ASP A 564 -23.10 -18.57 4.22
C ASP A 564 -23.61 -17.17 4.56
N PHE A 565 -23.88 -16.34 3.54
CA PHE A 565 -24.44 -15.01 3.79
C PHE A 565 -25.89 -15.09 4.30
N ASP A 566 -26.67 -16.03 3.76
CA ASP A 566 -28.07 -16.15 4.17
C ASP A 566 -28.20 -16.61 5.62
N ARG A 567 -27.35 -17.55 6.06
CA ARG A 567 -27.53 -18.11 7.41
C ARG A 567 -26.98 -17.20 8.50
N THR A 568 -26.12 -16.25 8.14
CA THR A 568 -25.62 -15.28 9.11
C THR A 568 -26.67 -14.19 9.34
N ILE A 569 -26.84 -13.77 10.60
CA ILE A 569 -27.89 -12.80 10.94
C ILE A 569 -27.34 -11.38 10.91
N GLY A 570 -28.15 -10.44 10.45
CA GLY A 570 -27.72 -9.04 10.41
C GLY A 570 -27.67 -8.36 11.77
N ILE A 571 -26.87 -7.27 11.80
CA ILE A 571 -26.86 -6.28 12.87
C ILE A 571 -27.71 -5.08 12.45
N HIS A 572 -28.67 -4.69 13.31
CA HIS A 572 -29.67 -3.67 12.98
C HIS A 572 -29.60 -2.52 13.99
N PRO A 573 -29.65 -1.27 13.52
CA PRO A 573 -29.65 -0.82 12.12
C PRO A 573 -28.24 -0.48 11.60
N THR A 574 -27.84 -1.06 10.45
CA THR A 574 -26.58 -0.78 9.77
C THR A 574 -26.81 -0.80 8.27
N CYS A 575 -25.86 -0.22 7.52
CA CYS A 575 -25.86 -0.44 6.07
C CYS A 575 -25.44 -1.87 5.74
N SER A 576 -24.44 -2.38 6.48
CA SER A 576 -23.83 -3.65 6.10
C SER A 576 -24.81 -4.82 6.14
N GLU A 577 -25.82 -4.77 7.02
CA GLU A 577 -26.72 -5.91 7.18
C GLU A 577 -27.47 -6.25 5.89
N THR A 578 -27.62 -5.31 4.94
CA THR A 578 -28.33 -5.63 3.69
C THR A 578 -27.68 -6.79 2.95
N PHE A 579 -26.39 -7.04 3.15
CA PHE A 579 -25.76 -8.21 2.52
C PHE A 579 -26.31 -9.55 3.05
N THR A 580 -26.91 -9.58 4.25
CA THR A 580 -27.35 -10.87 4.82
C THR A 580 -28.73 -11.30 4.33
N THR A 581 -29.49 -10.43 3.66
CA THR A 581 -30.83 -10.79 3.21
C THR A 581 -31.05 -10.56 1.71
N LEU A 582 -29.99 -10.58 0.89
CA LEU A 582 -30.19 -10.33 -0.54
C LEU A 582 -30.99 -11.47 -1.17
N HIS A 583 -31.86 -11.12 -2.13
CA HIS A 583 -32.73 -12.10 -2.79
C HIS A 583 -33.10 -11.77 -4.24
N VAL A 584 -33.03 -10.51 -4.66
CA VAL A 584 -33.37 -10.13 -6.03
C VAL A 584 -32.20 -10.47 -6.94
N THR A 585 -32.44 -11.32 -7.94
CA THR A 585 -31.42 -11.64 -8.94
C THR A 585 -31.59 -10.75 -10.17
N LYS A 586 -30.47 -10.51 -10.86
CA LYS A 586 -30.52 -9.74 -12.09
C LYS A 586 -31.27 -10.50 -13.18
N LYS A 587 -31.08 -11.82 -13.25
CA LYS A 587 -31.76 -12.63 -14.26
C LYS A 587 -33.28 -12.47 -14.16
N SER A 588 -33.81 -12.24 -12.96
CA SER A 588 -35.26 -12.15 -12.80
C SER A 588 -35.84 -10.85 -13.34
N GLY A 589 -35.03 -9.82 -13.55
CA GLY A 589 -35.56 -8.55 -13.98
C GLY A 589 -36.36 -7.76 -12.95
N VAL A 590 -36.48 -8.26 -11.72
CA VAL A 590 -37.17 -7.51 -10.68
C VAL A 590 -36.35 -6.28 -10.31
N SER A 591 -37.04 -5.16 -10.09
CA SER A 591 -36.37 -3.91 -9.73
C SER A 591 -35.59 -4.07 -8.42
N PRO A 592 -34.43 -3.42 -8.29
CA PRO A 592 -33.71 -3.43 -7.00
C PRO A 592 -34.07 -2.30 -6.04
N ILE A 593 -35.01 -1.40 -6.38
CA ILE A 593 -35.23 -0.21 -5.57
C ILE A 593 -35.83 -0.61 -4.22
N VAL A 594 -35.83 0.32 -3.27
CA VAL A 594 -36.08 -0.01 -1.87
C VAL A 594 -37.56 -0.28 -1.60
#